data_1F1J
#
_entry.id   1F1J
#
_cell.length_a   88.180
_cell.length_b   88.180
_cell.length_c   186.230
_cell.angle_alpha   90.00
_cell.angle_beta   90.00
_cell.angle_gamma   120.00
#
_symmetry.space_group_name_H-M   'P 32 2 1'
#
loop_
_entity.id
_entity.type
_entity.pdbx_description
1 polymer 'CASPASE-7 PROTEASE'
2 polymer ACE-ASP-GLU-VAL-ASP-CHO
3 non-polymer 'SULFATE ION'
4 water water
#
loop_
_entity_poly.entity_id
_entity_poly.type
_entity_poly.pdbx_seq_one_letter_code
_entity_poly.pdbx_strand_id
1 'polypeptide(L)'
;MLEADDQGCIEEQGVEDSANEDSVDAKPDRSSFVPSLFSKKKKNVTMRSIKTTRDRVPTYQYNMNFEKLGKCIIINNKNF
DKVTGMGVRNGTDKDAEALFKCFRSLGFDVIVYNDCSCAKMQDLLKKASEEDHTNAACFACILLSHGEENVIYGKDGVTP
IKDLTAHFRGDRSKTLLEKPKLFFIQACRGTELDDGIQADSGPINDTDANPRYKIPVEADFLFAYSTVPGYYSWRSPGRG
SWFVQALCSILEEHGKDLEIMQILTRVNDRVARHFESQSDDPHFHEKKQIPCVVSMLTKELYFSQ
;
A,B
2 'polypeptide(L)' (ACE)DEV(ASJ) C,D
#
loop_
_chem_comp.id
_chem_comp.type
_chem_comp.name
_chem_comp.formula
ACE non-polymer 'ACETYL GROUP' 'C2 H4 O'
ASJ peptide-like '(3S)-3-amino-4-hydroxybutanoic acid' 'C4 H9 N O3'
SO4 non-polymer 'SULFATE ION' 'O4 S -2'
#
# COMPACT_ATOMS: atom_id res chain seq x y z
N TYR A 60 4.41 -15.93 -13.31
CA TYR A 60 4.45 -14.60 -12.63
C TYR A 60 3.14 -13.84 -12.80
N GLN A 61 2.15 -14.52 -13.39
CA GLN A 61 0.81 -13.97 -13.63
C GLN A 61 -0.23 -14.83 -12.95
N TYR A 62 -1.32 -14.22 -12.52
CA TYR A 62 -2.40 -14.96 -11.87
C TYR A 62 -3.17 -15.71 -12.92
N ASN A 63 -3.32 -17.02 -12.73
CA ASN A 63 -4.07 -17.87 -13.66
C ASN A 63 -5.48 -17.33 -13.79
N MET A 64 -5.86 -16.96 -15.00
CA MET A 64 -7.18 -16.41 -15.24
C MET A 64 -8.09 -17.43 -15.91
N ASN A 65 -7.65 -18.68 -15.93
CA ASN A 65 -8.42 -19.75 -16.55
C ASN A 65 -9.49 -20.35 -15.65
N PHE A 66 -10.65 -19.70 -15.64
CA PHE A 66 -11.79 -20.10 -14.85
C PHE A 66 -12.99 -19.67 -15.66
N GLU A 67 -14.12 -20.35 -15.51
CA GLU A 67 -15.29 -19.98 -16.29
C GLU A 67 -15.83 -18.62 -15.90
N LYS A 68 -15.47 -18.16 -14.72
CA LYS A 68 -15.92 -16.86 -14.24
C LYS A 68 -14.71 -16.04 -13.80
N LEU A 69 -14.75 -14.74 -14.10
CA LEU A 69 -13.70 -13.84 -13.63
C LEU A 69 -13.92 -13.81 -12.12
N GLY A 70 -15.13 -13.43 -11.70
CA GLY A 70 -15.42 -13.39 -10.28
C GLY A 70 -16.56 -12.48 -9.95
N LYS A 71 -16.96 -12.48 -8.69
CA LYS A 71 -18.05 -11.63 -8.25
C LYS A 71 -17.52 -10.24 -7.95
N CYS A 72 -18.38 -9.24 -8.11
CA CYS A 72 -18.01 -7.89 -7.81
C CYS A 72 -19.18 -7.24 -7.07
N ILE A 73 -18.96 -6.98 -5.79
CA ILE A 73 -19.95 -6.35 -4.94
C ILE A 73 -19.70 -4.85 -4.89
N ILE A 74 -20.68 -4.04 -5.27
CA ILE A 74 -20.52 -2.60 -5.18
C ILE A 74 -21.47 -2.09 -4.12
N ILE A 75 -20.92 -1.59 -3.01
CA ILE A 75 -21.75 -1.04 -1.94
C ILE A 75 -21.82 0.46 -2.17
N ASN A 76 -23.00 0.96 -2.54
CA ASN A 76 -23.16 2.37 -2.84
C ASN A 76 -23.96 3.13 -1.78
N ASN A 77 -23.28 3.69 -0.79
CA ASN A 77 -23.94 4.43 0.29
C ASN A 77 -24.07 5.92 0.04
N LYS A 78 -25.30 6.35 -0.26
CA LYS A 78 -25.60 7.76 -0.55
C LYS A 78 -26.36 8.56 0.52
N ASN A 79 -27.28 7.90 1.21
CA ASN A 79 -28.11 8.56 2.20
C ASN A 79 -27.84 7.97 3.58
N PHE A 80 -27.53 8.84 4.54
CA PHE A 80 -27.21 8.39 5.89
C PHE A 80 -28.21 8.79 6.96
N ASP A 81 -28.22 8.05 8.05
CA ASP A 81 -29.10 8.32 9.18
C ASP A 81 -28.61 9.61 9.82
N LYS A 82 -29.54 10.45 10.22
CA LYS A 82 -29.18 11.72 10.82
C LYS A 82 -28.39 11.58 12.11
N VAL A 83 -28.44 10.41 12.72
CA VAL A 83 -27.69 10.15 13.95
C VAL A 83 -26.19 10.13 13.63
N THR A 84 -25.84 9.75 12.40
CA THR A 84 -24.44 9.71 11.96
C THR A 84 -24.07 11.15 11.64
N GLY A 85 -25.03 11.89 11.14
CA GLY A 85 -24.80 13.27 10.80
C GLY A 85 -23.94 13.38 9.57
N MET A 86 -24.06 12.41 8.67
CA MET A 86 -23.28 12.42 7.43
C MET A 86 -24.18 12.89 6.30
N GLY A 87 -23.63 13.72 5.42
CA GLY A 87 -24.40 14.25 4.32
C GLY A 87 -24.59 13.36 3.10
N VAL A 88 -25.61 13.67 2.31
CA VAL A 88 -25.92 12.91 1.11
C VAL A 88 -24.74 13.05 0.16
N ARG A 89 -24.25 11.90 -0.30
CA ARG A 89 -23.13 11.88 -1.21
C ARG A 89 -23.60 12.02 -2.64
N ASN A 90 -23.74 13.27 -3.10
CA ASN A 90 -24.15 13.52 -4.47
C ASN A 90 -23.06 13.09 -5.42
N GLY A 91 -23.48 12.50 -6.53
CA GLY A 91 -22.54 12.04 -7.53
C GLY A 91 -22.18 10.59 -7.35
N THR A 92 -22.54 10.01 -6.21
CA THR A 92 -22.19 8.62 -5.96
C THR A 92 -22.93 7.62 -6.83
N ASP A 93 -24.12 7.96 -7.30
CA ASP A 93 -24.86 7.05 -8.17
C ASP A 93 -24.19 7.00 -9.55
N LYS A 94 -23.65 8.14 -9.99
CA LYS A 94 -22.92 8.20 -11.26
C LYS A 94 -21.69 7.28 -11.15
N ASP A 95 -20.98 7.38 -10.03
CA ASP A 95 -19.81 6.54 -9.83
C ASP A 95 -20.21 5.09 -9.97
N ALA A 96 -21.20 4.70 -9.19
CA ALA A 96 -21.69 3.33 -9.19
C ALA A 96 -22.07 2.82 -10.56
N GLU A 97 -22.85 3.60 -11.30
CA GLU A 97 -23.25 3.16 -12.63
C GLU A 97 -22.05 2.96 -13.54
N ALA A 98 -21.11 3.90 -13.48
CA ALA A 98 -19.88 3.86 -14.28
C ALA A 98 -19.08 2.63 -13.89
N LEU A 99 -18.85 2.50 -12.58
CA LEU A 99 -18.11 1.35 -12.07
C LEU A 99 -18.81 0.06 -12.47
N PHE A 100 -20.14 0.10 -12.51
CA PHE A 100 -20.92 -1.07 -12.90
C PHE A 100 -20.58 -1.44 -14.33
N LYS A 101 -20.57 -0.45 -15.22
CA LYS A 101 -20.23 -0.72 -16.62
C LYS A 101 -18.79 -1.22 -16.81
N CYS A 102 -17.84 -0.62 -16.11
CA CYS A 102 -16.43 -1.04 -16.22
C CYS A 102 -16.20 -2.46 -15.77
N PHE A 103 -16.50 -2.74 -14.51
CA PHE A 103 -16.28 -4.09 -13.99
C PHE A 103 -17.07 -5.17 -14.72
N ARG A 104 -18.22 -4.80 -15.29
CA ARG A 104 -19.02 -5.74 -16.06
C ARG A 104 -18.23 -6.03 -17.34
N SER A 105 -17.73 -4.96 -17.98
CA SER A 105 -16.93 -5.07 -19.19
C SER A 105 -15.76 -5.99 -18.89
N LEU A 106 -15.12 -5.79 -17.74
CA LEU A 106 -14.00 -6.65 -17.35
C LEU A 106 -14.47 -8.09 -17.26
N GLY A 107 -15.76 -8.31 -17.01
CA GLY A 107 -16.28 -9.67 -16.92
C GLY A 107 -16.63 -10.16 -15.53
N PHE A 108 -16.74 -9.23 -14.59
CA PHE A 108 -17.12 -9.58 -13.23
C PHE A 108 -18.64 -9.65 -13.24
N ASP A 109 -19.20 -10.44 -12.33
CA ASP A 109 -20.66 -10.54 -12.19
C ASP A 109 -20.93 -9.56 -11.05
N VAL A 110 -21.27 -8.33 -11.42
CA VAL A 110 -21.49 -7.27 -10.44
C VAL A 110 -22.94 -7.08 -9.98
N ILE A 111 -23.09 -6.78 -8.69
CA ILE A 111 -24.40 -6.52 -8.09
C ILE A 111 -24.20 -5.29 -7.22
N VAL A 112 -25.00 -4.25 -7.46
CA VAL A 112 -24.92 -3.01 -6.67
C VAL A 112 -25.94 -2.96 -5.52
N TYR A 113 -25.45 -2.77 -4.29
CA TYR A 113 -26.28 -2.70 -3.10
C TYR A 113 -26.27 -1.27 -2.58
N ASN A 114 -27.45 -0.65 -2.51
CA ASN A 114 -27.58 0.73 -2.07
C ASN A 114 -27.84 0.93 -0.58
N ASP A 115 -27.51 2.12 -0.12
CA ASP A 115 -27.63 2.56 1.27
C ASP A 115 -27.56 1.48 2.33
N CYS A 116 -26.60 0.56 2.24
CA CYS A 116 -26.48 -0.48 3.24
C CYS A 116 -26.16 0.07 4.62
N SER A 117 -26.32 -0.79 5.62
CA SER A 117 -26.05 -0.44 7.01
C SER A 117 -24.87 -1.31 7.36
N CYS A 118 -24.15 -0.97 8.41
CA CYS A 118 -22.97 -1.74 8.80
C CYS A 118 -23.17 -3.27 8.83
N ALA A 119 -24.31 -3.70 9.37
CA ALA A 119 -24.59 -5.13 9.47
C ALA A 119 -24.81 -5.72 8.10
N LYS A 120 -25.54 -4.97 7.29
CA LYS A 120 -25.85 -5.40 5.93
C LYS A 120 -24.55 -5.61 5.20
N MET A 121 -23.64 -4.64 5.35
CA MET A 121 -22.33 -4.68 4.71
C MET A 121 -21.55 -5.90 5.18
N GLN A 122 -21.46 -6.07 6.50
CA GLN A 122 -20.74 -7.22 7.05
C GLN A 122 -21.34 -8.54 6.58
N ASP A 123 -22.66 -8.56 6.43
CA ASP A 123 -23.34 -9.77 5.98
C ASP A 123 -23.03 -10.03 4.52
N LEU A 124 -23.19 -8.99 3.70
CA LEU A 124 -22.91 -9.03 2.26
C LEU A 124 -21.53 -9.65 2.03
N LEU A 125 -20.56 -9.20 2.82
CA LEU A 125 -19.22 -9.72 2.69
C LEU A 125 -19.00 -11.09 3.31
N LYS A 126 -19.63 -11.35 4.46
CA LYS A 126 -19.50 -12.66 5.09
C LYS A 126 -20.09 -13.72 4.18
N LYS A 127 -21.27 -13.42 3.67
CA LYS A 127 -21.96 -14.33 2.79
C LYS A 127 -21.18 -14.55 1.51
N ALA A 128 -20.79 -13.45 0.85
CA ALA A 128 -20.04 -13.55 -0.39
C ALA A 128 -18.79 -14.41 -0.21
N SER A 129 -18.09 -14.23 0.91
CA SER A 129 -16.91 -15.02 1.19
C SER A 129 -17.25 -16.47 1.37
N GLU A 130 -18.51 -16.74 1.68
CA GLU A 130 -18.98 -18.11 1.89
C GLU A 130 -19.42 -18.87 0.66
N GLU A 131 -19.51 -18.19 -0.48
CA GLU A 131 -19.89 -18.85 -1.72
C GLU A 131 -18.77 -19.76 -2.22
N ASP A 132 -19.02 -20.47 -3.31
CA ASP A 132 -18.01 -21.35 -3.87
C ASP A 132 -17.30 -20.63 -5.01
N HIS A 133 -16.10 -20.15 -4.70
CA HIS A 133 -15.32 -19.42 -5.69
C HIS A 133 -14.37 -20.30 -6.49
N THR A 134 -14.61 -21.60 -6.45
CA THR A 134 -13.77 -22.54 -7.17
C THR A 134 -13.70 -22.28 -8.66
N ASN A 135 -14.79 -21.83 -9.26
CA ASN A 135 -14.82 -21.57 -10.71
C ASN A 135 -14.53 -20.12 -11.09
N ALA A 136 -13.96 -19.35 -10.16
CA ALA A 136 -13.66 -17.94 -10.39
C ALA A 136 -12.19 -17.61 -10.20
N ALA A 137 -11.68 -16.70 -11.01
CA ALA A 137 -10.28 -16.29 -10.92
C ALA A 137 -10.03 -15.40 -9.72
N CYS A 138 -10.96 -14.51 -9.44
CA CYS A 138 -10.79 -13.60 -8.33
C CYS A 138 -12.11 -13.10 -7.73
N PHE A 139 -12.01 -12.08 -6.88
CA PHE A 139 -13.15 -11.45 -6.23
C PHE A 139 -12.85 -9.97 -6.12
N ALA A 140 -13.85 -9.14 -6.41
CA ALA A 140 -13.71 -7.69 -6.30
C ALA A 140 -14.86 -7.10 -5.49
N CYS A 141 -14.55 -6.10 -4.68
CA CYS A 141 -15.54 -5.41 -3.88
C CYS A 141 -15.19 -3.92 -3.90
N ILE A 142 -16.16 -3.08 -4.25
CA ILE A 142 -15.96 -1.64 -4.30
C ILE A 142 -16.85 -0.96 -3.27
N LEU A 143 -16.26 -0.15 -2.40
CA LEU A 143 -16.97 0.57 -1.35
C LEU A 143 -17.04 2.07 -1.58
N LEU A 144 -18.23 2.59 -1.83
CA LEU A 144 -18.45 4.03 -2.04
C LEU A 144 -19.19 4.55 -0.80
N SER A 145 -18.59 5.45 -0.02
CA SER A 145 -19.29 5.92 1.17
C SER A 145 -18.49 6.99 1.91
N HIS A 146 -18.94 7.33 3.11
CA HIS A 146 -18.23 8.29 3.95
C HIS A 146 -17.25 7.46 4.75
N GLY A 147 -16.29 8.10 5.39
CA GLY A 147 -15.35 7.32 6.16
C GLY A 147 -14.45 8.14 7.02
N GLU A 148 -13.79 7.43 7.94
CA GLU A 148 -12.83 8.01 8.86
C GLU A 148 -11.64 7.07 8.80
N GLU A 149 -10.59 7.39 9.52
CA GLU A 149 -9.42 6.54 9.47
C GLU A 149 -9.75 5.12 9.87
N ASN A 150 -9.52 4.19 8.94
CA ASN A 150 -9.73 2.75 9.15
C ASN A 150 -11.18 2.30 9.16
N VAL A 151 -12.10 3.21 8.85
CA VAL A 151 -13.49 2.87 8.94
C VAL A 151 -14.39 3.46 7.86
N ILE A 152 -15.42 2.71 7.45
CA ILE A 152 -16.40 3.20 6.47
C ILE A 152 -17.71 3.40 7.19
N TYR A 153 -18.57 4.21 6.59
CA TYR A 153 -19.88 4.49 7.15
C TYR A 153 -20.99 3.65 6.54
N GLY A 154 -21.75 2.96 7.39
CA GLY A 154 -22.91 2.25 6.92
C GLY A 154 -23.94 3.39 6.95
N LYS A 155 -25.21 3.15 6.63
CA LYS A 155 -26.16 4.26 6.70
C LYS A 155 -26.43 4.62 8.16
N ASP A 156 -26.19 3.66 9.04
CA ASP A 156 -26.41 3.79 10.47
C ASP A 156 -25.21 4.09 11.36
N GLY A 157 -24.00 3.97 10.85
CA GLY A 157 -22.82 4.22 11.66
C GLY A 157 -21.55 3.90 10.90
N VAL A 158 -20.49 3.49 11.59
CA VAL A 158 -19.24 3.16 10.93
C VAL A 158 -18.78 1.76 11.27
N THR A 159 -18.22 1.05 10.30
CA THR A 159 -17.71 -0.29 10.53
C THR A 159 -16.27 -0.34 9.99
N PRO A 160 -15.38 -1.07 10.69
CA PRO A 160 -13.97 -1.24 10.34
C PRO A 160 -13.78 -2.00 9.05
N ILE A 161 -13.07 -1.39 8.11
CA ILE A 161 -12.81 -2.00 6.82
C ILE A 161 -12.13 -3.36 7.02
N LYS A 162 -11.34 -3.45 8.10
CA LYS A 162 -10.63 -4.69 8.42
C LYS A 162 -11.59 -5.84 8.63
N ASP A 163 -12.76 -5.52 9.19
CA ASP A 163 -13.76 -6.55 9.43
C ASP A 163 -14.37 -6.99 8.13
N LEU A 164 -14.63 -6.05 7.23
CA LEU A 164 -15.22 -6.39 5.95
C LEU A 164 -14.30 -7.24 5.09
N THR A 165 -12.99 -6.99 5.18
CA THR A 165 -12.03 -7.74 4.37
C THR A 165 -11.54 -9.07 4.96
N ALA A 166 -11.46 -9.17 6.28
CA ALA A 166 -10.97 -10.39 6.95
C ALA A 166 -11.68 -11.69 6.57
N HIS A 167 -12.95 -11.58 6.18
CA HIS A 167 -13.78 -12.73 5.77
C HIS A 167 -13.10 -13.50 4.64
N PHE A 168 -12.32 -12.77 3.84
CA PHE A 168 -11.65 -13.36 2.70
C PHE A 168 -10.24 -13.88 2.95
N ARG A 169 -9.81 -13.86 4.20
CA ARG A 169 -8.50 -14.37 4.55
C ARG A 169 -8.33 -15.79 4.06
N GLY A 170 -7.09 -16.21 3.81
CA GLY A 170 -6.82 -17.55 3.31
C GLY A 170 -7.42 -18.65 4.15
N ASP A 171 -7.40 -18.45 5.46
CA ASP A 171 -7.95 -19.44 6.36
C ASP A 171 -9.48 -19.41 6.39
N ARG A 172 -10.07 -18.32 5.87
CA ARG A 172 -11.53 -18.15 5.86
C ARG A 172 -12.28 -18.26 4.53
N SER A 173 -11.57 -18.24 3.41
CA SER A 173 -12.18 -18.38 2.09
C SER A 173 -11.26 -19.24 1.26
N LYS A 174 -11.19 -20.51 1.62
CA LYS A 174 -10.33 -21.48 0.91
C LYS A 174 -10.44 -21.49 -0.61
N THR A 175 -11.62 -21.23 -1.16
CA THR A 175 -11.77 -21.27 -2.62
C THR A 175 -11.21 -20.04 -3.35
N LEU A 176 -10.90 -19.01 -2.56
CA LEU A 176 -10.30 -17.77 -3.06
C LEU A 176 -8.83 -17.75 -2.67
N LEU A 177 -8.37 -18.84 -2.06
CA LEU A 177 -6.98 -18.93 -1.65
C LEU A 177 -6.11 -18.93 -2.92
N GLU A 178 -4.98 -18.23 -2.85
CA GLU A 178 -4.04 -18.09 -3.96
C GLU A 178 -4.66 -17.32 -5.14
N LYS A 179 -5.80 -16.69 -4.89
CA LYS A 179 -6.49 -15.90 -5.91
C LYS A 179 -6.53 -14.49 -5.40
N PRO A 180 -6.51 -13.51 -6.28
CA PRO A 180 -6.54 -12.13 -5.82
C PRO A 180 -7.89 -11.66 -5.29
N LYS A 181 -7.85 -10.91 -4.19
CA LYS A 181 -9.04 -10.35 -3.57
C LYS A 181 -8.83 -8.85 -3.65
N LEU A 182 -9.64 -8.19 -4.46
CA LEU A 182 -9.53 -6.75 -4.68
C LEU A 182 -10.61 -5.89 -4.04
N PHE A 183 -10.20 -4.89 -3.28
CA PHE A 183 -11.12 -3.98 -2.65
C PHE A 183 -10.73 -2.56 -3.11
N PHE A 184 -11.69 -1.80 -3.64
CA PHE A 184 -11.48 -0.43 -4.08
C PHE A 184 -12.29 0.45 -3.13
N ILE A 185 -11.66 1.31 -2.35
CA ILE A 185 -12.38 2.12 -1.40
C ILE A 185 -12.41 3.62 -1.60
N GLN A 186 -13.58 4.15 -1.93
CA GLN A 186 -13.79 5.60 -2.08
C GLN A 186 -14.50 6.07 -0.81
N ALA A 187 -13.74 6.73 0.07
CA ALA A 187 -14.27 7.23 1.32
C ALA A 187 -13.20 8.08 1.99
N CYS A 188 -13.60 8.97 2.89
CA CYS A 188 -12.61 9.78 3.59
C CYS A 188 -11.80 8.87 4.52
N ARG A 189 -10.60 9.31 4.92
CA ARG A 189 -9.75 8.54 5.82
C ARG A 189 -9.26 9.44 6.93
N GLY A 190 -9.89 10.60 7.04
CA GLY A 190 -9.53 11.56 8.05
C GLY A 190 -9.98 12.90 7.55
N THR A 191 -9.51 13.97 8.19
CA THR A 191 -9.91 15.30 7.77
C THR A 191 -8.75 16.19 7.28
N GLU A 192 -7.68 15.57 6.82
CA GLU A 192 -6.56 16.36 6.31
C GLU A 192 -6.74 16.71 4.84
N LEU A 193 -6.36 17.94 4.51
CA LEU A 193 -6.44 18.46 3.14
C LEU A 193 -5.00 18.58 2.62
N ASP A 194 -4.82 18.21 1.35
CA ASP A 194 -3.52 18.30 0.71
C ASP A 194 -3.53 19.59 -0.09
N ASP A 195 -2.78 20.57 0.38
CA ASP A 195 -2.69 21.89 -0.26
C ASP A 195 -2.09 21.81 -1.66
N GLY A 196 -1.24 20.81 -1.89
CA GLY A 196 -0.60 20.67 -3.18
C GLY A 196 0.62 21.56 -3.27
N ILE A 197 1.39 21.40 -4.34
CA ILE A 197 2.59 22.19 -4.54
C ILE A 197 2.81 22.34 -6.03
N GLN A 198 3.19 23.54 -6.45
CA GLN A 198 3.43 23.85 -7.85
C GLN A 198 4.84 23.47 -8.25
N LYS A 214 1.94 -24.15 2.46
CA LYS A 214 1.45 -23.02 3.31
C LYS A 214 1.52 -21.63 2.65
N ILE A 215 0.37 -20.96 2.63
CA ILE A 215 0.22 -19.63 2.04
C ILE A 215 -0.16 -18.73 3.22
N PRO A 216 0.42 -17.52 3.29
CA PRO A 216 0.04 -16.65 4.41
C PRO A 216 -1.45 -16.36 4.28
N VAL A 217 -2.16 -16.21 5.40
CA VAL A 217 -3.59 -15.93 5.34
C VAL A 217 -3.87 -14.52 4.86
N GLU A 218 -2.89 -13.64 5.02
CA GLU A 218 -3.03 -12.24 4.63
C GLU A 218 -2.60 -11.91 3.21
N ALA A 219 -2.13 -12.94 2.52
CA ALA A 219 -1.66 -12.84 1.15
C ALA A 219 -2.77 -12.65 0.12
N ASP A 220 -2.37 -12.17 -1.05
CA ASP A 220 -3.26 -11.99 -2.18
C ASP A 220 -4.38 -10.96 -2.12
N PHE A 221 -4.23 -9.97 -1.26
CA PHE A 221 -5.19 -8.89 -1.13
C PHE A 221 -4.61 -7.63 -1.79
N LEU A 222 -5.49 -6.76 -2.26
CA LEU A 222 -5.05 -5.50 -2.81
C LEU A 222 -6.11 -4.46 -2.46
N PHE A 223 -5.71 -3.38 -1.79
CA PHE A 223 -6.63 -2.31 -1.45
C PHE A 223 -6.30 -1.08 -2.25
N ALA A 224 -7.20 -0.70 -3.14
CA ALA A 224 -7.01 0.50 -3.92
C ALA A 224 -7.80 1.62 -3.23
N TYR A 225 -7.16 2.35 -2.32
CA TYR A 225 -7.84 3.46 -1.64
C TYR A 225 -7.84 4.70 -2.52
N SER A 226 -8.84 5.54 -2.32
CA SER A 226 -8.97 6.74 -3.13
C SER A 226 -8.06 7.86 -2.64
N THR A 227 -7.58 7.74 -1.41
CA THR A 227 -6.77 8.78 -0.83
C THR A 227 -5.80 8.15 0.14
N VAL A 228 -5.00 8.98 0.80
CA VAL A 228 -4.02 8.48 1.74
C VAL A 228 -4.53 8.61 3.17
N PRO A 229 -4.02 7.74 4.07
CA PRO A 229 -4.41 7.74 5.48
C PRO A 229 -4.39 9.15 6.07
N GLY A 230 -5.50 9.48 6.74
CA GLY A 230 -5.63 10.78 7.38
C GLY A 230 -6.18 11.86 6.50
N TYR A 231 -6.44 11.55 5.24
CA TYR A 231 -6.92 12.57 4.33
C TYR A 231 -8.35 12.46 3.85
N TYR A 232 -8.88 13.60 3.40
CA TYR A 232 -10.21 13.67 2.85
C TYR A 232 -10.11 13.08 1.44
N SER A 233 -11.26 12.79 0.85
CA SER A 233 -11.30 12.22 -0.49
C SER A 233 -12.34 13.11 -1.17
N TRP A 234 -12.06 13.52 -2.39
CA TRP A 234 -12.94 14.43 -3.10
C TRP A 234 -13.92 13.81 -4.06
N ARG A 235 -15.08 14.46 -4.14
CA ARG A 235 -16.18 14.03 -4.98
C ARG A 235 -16.89 15.26 -5.49
N SER A 236 -17.11 15.32 -6.79
CA SER A 236 -17.84 16.43 -7.35
C SER A 236 -19.29 15.96 -7.54
N PRO A 237 -20.25 16.63 -6.89
CA PRO A 237 -21.69 16.32 -6.95
C PRO A 237 -22.18 15.97 -8.35
N GLY A 238 -21.67 16.67 -9.34
CA GLY A 238 -22.10 16.42 -10.70
C GLY A 238 -21.32 15.44 -11.54
N ARG A 239 -20.12 15.04 -11.12
CA ARG A 239 -19.33 14.11 -11.94
C ARG A 239 -18.93 12.83 -11.22
N GLY A 240 -19.04 12.86 -9.90
CA GLY A 240 -18.67 11.71 -9.12
C GLY A 240 -17.35 11.99 -8.44
N SER A 241 -16.84 10.99 -7.72
CA SER A 241 -15.58 11.14 -7.03
C SER A 241 -14.43 11.14 -8.04
N TRP A 242 -13.35 11.85 -7.69
CA TRP A 242 -12.18 11.95 -8.57
C TRP A 242 -11.62 10.55 -8.85
N PHE A 243 -11.44 9.80 -7.78
CA PHE A 243 -10.89 8.47 -7.87
C PHE A 243 -11.64 7.55 -8.81
N VAL A 244 -12.96 7.69 -8.84
CA VAL A 244 -13.78 6.83 -9.69
C VAL A 244 -13.83 7.32 -11.12
N GLN A 245 -13.91 8.63 -11.30
CA GLN A 245 -13.90 9.17 -12.65
C GLN A 245 -12.61 8.65 -13.30
N ALA A 246 -11.49 8.85 -12.60
CA ALA A 246 -10.15 8.42 -13.04
C ALA A 246 -10.06 6.93 -13.33
N LEU A 247 -10.35 6.12 -12.31
CA LEU A 247 -10.32 4.65 -12.40
C LEU A 247 -11.13 4.10 -13.56
N CYS A 248 -12.27 4.71 -13.84
CA CYS A 248 -13.11 4.26 -14.92
C CYS A 248 -12.58 4.61 -16.29
N SER A 249 -12.05 5.82 -16.47
CA SER A 249 -11.50 6.17 -17.78
C SER A 249 -10.31 5.26 -18.08
N ILE A 250 -9.45 5.04 -17.08
CA ILE A 250 -8.30 4.17 -17.27
C ILE A 250 -8.73 2.76 -17.62
N LEU A 251 -9.60 2.17 -16.80
CA LEU A 251 -10.07 0.79 -17.03
C LEU A 251 -10.77 0.63 -18.37
N GLU A 252 -11.56 1.61 -18.74
CA GLU A 252 -12.28 1.54 -20.00
C GLU A 252 -11.27 1.37 -21.15
N GLU A 253 -10.23 2.20 -21.14
CA GLU A 253 -9.21 2.15 -22.17
C GLU A 253 -8.11 1.08 -22.03
N HIS A 254 -7.69 0.77 -20.81
CA HIS A 254 -6.61 -0.21 -20.62
C HIS A 254 -6.88 -1.43 -19.76
N GLY A 255 -8.08 -1.53 -19.20
CA GLY A 255 -8.44 -2.64 -18.32
C GLY A 255 -8.14 -4.01 -18.85
N LYS A 256 -8.27 -4.19 -20.15
CA LYS A 256 -7.99 -5.49 -20.73
C LYS A 256 -6.55 -5.65 -21.23
N ASP A 257 -5.76 -4.58 -21.25
CA ASP A 257 -4.39 -4.70 -21.72
C ASP A 257 -3.23 -4.38 -20.77
N LEU A 258 -3.50 -3.79 -19.61
CA LEU A 258 -2.44 -3.49 -18.65
C LEU A 258 -2.60 -4.25 -17.32
N GLU A 259 -1.49 -4.47 -16.64
CA GLU A 259 -1.49 -5.15 -15.34
C GLU A 259 -2.13 -4.18 -14.34
N ILE A 260 -2.77 -4.74 -13.30
CA ILE A 260 -3.46 -3.96 -12.27
C ILE A 260 -2.65 -2.79 -11.70
N MET A 261 -1.40 -3.05 -11.32
CA MET A 261 -0.52 -2.00 -10.77
C MET A 261 -0.29 -0.86 -11.76
N GLN A 262 -0.21 -1.17 -13.06
CA GLN A 262 -0.03 -0.16 -14.10
C GLN A 262 -1.29 0.71 -14.17
N ILE A 263 -2.43 0.04 -14.22
CA ILE A 263 -3.72 0.73 -14.24
C ILE A 263 -3.83 1.69 -13.04
N LEU A 264 -3.65 1.15 -11.84
CA LEU A 264 -3.74 1.95 -10.62
C LEU A 264 -2.69 3.06 -10.55
N THR A 265 -1.50 2.81 -11.12
CA THR A 265 -0.47 3.86 -11.13
C THR A 265 -0.96 5.00 -12.02
N ARG A 266 -1.57 4.64 -13.15
CA ARG A 266 -2.11 5.66 -14.05
C ARG A 266 -3.28 6.40 -13.40
N VAL A 267 -4.06 5.69 -12.60
CA VAL A 267 -5.20 6.27 -11.88
C VAL A 267 -4.60 7.26 -10.87
N ASN A 268 -3.50 6.84 -10.24
CA ASN A 268 -2.77 7.65 -9.25
C ASN A 268 -2.32 8.95 -9.91
N ASP A 269 -1.71 8.86 -11.08
CA ASP A 269 -1.24 10.03 -11.80
C ASP A 269 -2.41 10.90 -12.32
N ARG A 270 -3.48 10.27 -12.80
CA ARG A 270 -4.64 11.00 -13.31
C ARG A 270 -5.31 11.87 -12.26
N VAL A 271 -5.51 11.32 -11.06
CA VAL A 271 -6.15 12.03 -9.95
C VAL A 271 -5.29 13.17 -9.44
N ALA A 272 -4.00 12.92 -9.30
CA ALA A 272 -3.04 13.91 -8.82
C ALA A 272 -2.88 15.12 -9.73
N ARG A 273 -2.76 14.87 -11.03
CA ARG A 273 -2.56 15.93 -12.00
C ARG A 273 -3.81 16.58 -12.56
N HIS A 274 -4.88 15.82 -12.75
CA HIS A 274 -6.09 16.36 -13.35
C HIS A 274 -7.23 16.86 -12.46
N PHE A 275 -7.04 16.89 -11.16
CA PHE A 275 -8.10 17.33 -10.27
C PHE A 275 -7.59 18.32 -9.25
N GLU A 276 -8.42 19.30 -8.93
CA GLU A 276 -8.10 20.33 -7.94
C GLU A 276 -9.43 20.89 -7.44
N SER A 277 -9.65 20.82 -6.13
CA SER A 277 -10.90 21.28 -5.55
C SER A 277 -11.26 22.71 -5.84
N GLN A 278 -12.55 22.92 -6.08
CA GLN A 278 -13.12 24.23 -6.34
C GLN A 278 -14.10 24.33 -5.17
N SER A 279 -14.04 25.41 -4.42
CA SER A 279 -14.92 25.57 -3.27
C SER A 279 -15.08 27.02 -2.87
N ASP A 280 -16.19 27.30 -2.19
CA ASP A 280 -16.49 28.63 -1.72
C ASP A 280 -15.84 28.82 -0.38
N ASP A 281 -15.58 27.72 0.32
CA ASP A 281 -14.89 27.81 1.59
C ASP A 281 -13.45 27.78 1.19
N PRO A 282 -12.74 28.91 1.38
CA PRO A 282 -11.33 29.00 1.02
C PRO A 282 -10.52 27.90 1.69
N HIS A 283 -10.90 27.56 2.93
CA HIS A 283 -10.23 26.51 3.68
C HIS A 283 -10.26 25.20 2.88
N PHE A 284 -11.26 25.06 2.01
CA PHE A 284 -11.41 23.84 1.21
C PHE A 284 -11.20 24.10 -0.29
N HIS A 285 -10.59 25.22 -0.62
CA HIS A 285 -10.38 25.58 -2.02
C HIS A 285 -9.02 25.22 -2.61
N GLU A 286 -9.02 24.67 -3.81
CA GLU A 286 -7.79 24.32 -4.54
C GLU A 286 -6.95 23.22 -3.92
N LYS A 287 -7.59 22.29 -3.23
CA LYS A 287 -6.90 21.17 -2.63
C LYS A 287 -6.61 20.09 -3.68
N LYS A 288 -5.60 19.27 -3.42
CA LYS A 288 -5.20 18.20 -4.34
C LYS A 288 -5.40 16.85 -3.66
N GLN A 289 -5.20 15.76 -4.39
CA GLN A 289 -5.38 14.45 -3.81
C GLN A 289 -4.55 13.36 -4.50
N ILE A 290 -4.00 12.43 -3.73
CA ILE A 290 -3.25 11.31 -4.32
C ILE A 290 -3.79 9.99 -3.74
N PRO A 291 -4.17 9.03 -4.61
CA PRO A 291 -4.67 7.76 -4.09
C PRO A 291 -3.58 6.96 -3.35
N CYS A 292 -3.89 5.72 -3.00
CA CYS A 292 -2.96 4.92 -2.24
C CYS A 292 -3.28 3.47 -2.52
N VAL A 293 -2.30 2.73 -3.04
CA VAL A 293 -2.47 1.32 -3.36
C VAL A 293 -1.67 0.47 -2.39
N VAL A 294 -2.30 -0.54 -1.80
CA VAL A 294 -1.59 -1.41 -0.89
C VAL A 294 -1.69 -2.75 -1.56
N SER A 295 -0.55 -3.40 -1.77
CA SER A 295 -0.58 -4.69 -2.44
C SER A 295 0.12 -5.76 -1.68
N MET A 296 -0.58 -6.88 -1.56
CA MET A 296 -0.07 -8.08 -0.91
C MET A 296 -0.17 -9.14 -1.98
N LEU A 297 -0.34 -8.71 -3.23
CA LEU A 297 -0.41 -9.64 -4.36
C LEU A 297 0.92 -10.35 -4.51
N THR A 298 0.87 -11.56 -5.02
CA THR A 298 2.07 -12.35 -5.20
C THR A 298 2.34 -12.66 -6.69
N LYS A 299 1.54 -12.07 -7.56
CA LYS A 299 1.66 -12.28 -9.01
C LYS A 299 1.14 -11.04 -9.72
N GLU A 300 1.24 -11.03 -11.05
CA GLU A 300 0.76 -9.92 -11.86
C GLU A 300 -0.68 -10.27 -12.26
N LEU A 301 -1.55 -9.28 -12.19
CA LEU A 301 -2.95 -9.49 -12.52
C LEU A 301 -3.36 -8.78 -13.80
N TYR A 302 -3.84 -9.58 -14.75
CA TYR A 302 -4.31 -9.09 -16.05
C TYR A 302 -5.72 -9.63 -16.17
N PHE A 303 -6.68 -8.77 -16.49
CA PHE A 303 -8.07 -9.21 -16.66
C PHE A 303 -8.20 -9.76 -18.07
N SER A 304 -7.38 -10.75 -18.35
CA SER A 304 -7.32 -11.41 -19.65
C SER A 304 -6.32 -12.58 -19.57
N THR B 59 5.17 10.42 -20.95
CA THR B 59 5.14 8.92 -20.97
C THR B 59 4.61 8.38 -19.65
N TYR B 60 4.87 7.10 -19.40
CA TYR B 60 4.39 6.48 -18.18
C TYR B 60 5.49 6.06 -17.21
N GLN B 61 6.74 6.38 -17.54
CA GLN B 61 7.86 6.04 -16.68
C GLN B 61 8.42 7.28 -16.03
N TYR B 62 9.11 7.06 -14.93
CA TYR B 62 9.74 8.15 -14.20
C TYR B 62 11.03 8.42 -14.97
N ASN B 63 11.29 9.70 -15.20
CA ASN B 63 12.46 10.17 -15.93
C ASN B 63 13.75 9.88 -15.17
N MET B 64 14.50 8.91 -15.68
CA MET B 64 15.77 8.51 -15.07
C MET B 64 16.96 9.20 -15.74
N ASN B 65 16.68 10.22 -16.56
CA ASN B 65 17.75 10.92 -17.24
C ASN B 65 18.31 12.05 -16.39
N PHE B 66 19.04 11.66 -15.36
CA PHE B 66 19.64 12.62 -14.44
C PHE B 66 21.12 12.24 -14.27
N GLU B 67 21.90 13.17 -13.74
CA GLU B 67 23.33 12.95 -13.49
C GLU B 67 23.54 11.67 -12.69
N LYS B 68 22.75 11.47 -11.64
CA LYS B 68 22.90 10.27 -10.81
C LYS B 68 21.54 9.72 -10.37
N LEU B 69 21.52 8.43 -10.05
CA LEU B 69 20.30 7.76 -9.59
C LEU B 69 19.78 8.40 -8.31
N GLY B 70 20.65 8.58 -7.33
CA GLY B 70 20.26 9.22 -6.10
C GLY B 70 20.86 8.64 -4.86
N LYS B 71 20.56 9.30 -3.74
CA LYS B 71 21.00 8.90 -2.42
C LYS B 71 20.21 7.67 -1.92
N CYS B 72 20.85 6.86 -1.10
CA CYS B 72 20.22 5.67 -0.55
C CYS B 72 20.73 5.46 0.85
N ILE B 73 20.09 6.11 1.80
CA ILE B 73 20.46 5.98 3.20
C ILE B 73 19.95 4.65 3.78
N ILE B 74 20.80 3.96 4.54
CA ILE B 74 20.44 2.71 5.18
C ILE B 74 20.69 2.84 6.69
N ILE B 75 19.64 2.72 7.50
CA ILE B 75 19.79 2.80 8.95
C ILE B 75 19.79 1.36 9.46
N ASN B 76 20.94 0.93 9.98
CA ASN B 76 21.10 -0.43 10.48
C ASN B 76 21.16 -0.42 12.00
N ASN B 77 20.04 -0.73 12.64
CA ASN B 77 19.95 -0.77 14.10
C ASN B 77 19.96 -2.20 14.61
N LYS B 78 21.01 -2.53 15.34
CA LYS B 78 21.20 -3.89 15.84
C LYS B 78 21.18 -3.98 17.36
N ASN B 79 21.72 -2.94 18.01
CA ASN B 79 21.83 -2.88 19.46
C ASN B 79 20.95 -1.77 20.01
N PHE B 80 20.13 -2.13 21.02
CA PHE B 80 19.17 -1.22 21.64
C PHE B 80 19.39 -1.10 23.15
N ASP B 81 18.98 0.02 23.73
CA ASP B 81 19.16 0.21 25.16
C ASP B 81 18.29 -0.82 25.91
N LYS B 82 18.79 -1.29 27.04
CA LYS B 82 18.09 -2.31 27.82
C LYS B 82 16.63 -1.94 28.09
N VAL B 83 16.43 -0.70 28.54
CA VAL B 83 15.12 -0.16 28.88
C VAL B 83 14.03 -0.17 27.82
N THR B 84 14.38 -0.45 26.58
CA THR B 84 13.38 -0.50 25.52
C THR B 84 12.73 -1.88 25.55
N GLY B 85 13.41 -2.82 26.22
CA GLY B 85 12.91 -4.16 26.28
C GLY B 85 13.26 -4.85 24.98
N MET B 86 14.02 -4.17 24.13
CA MET B 86 14.42 -4.73 22.84
C MET B 86 15.77 -5.41 22.90
N GLY B 87 15.90 -6.50 22.15
CA GLY B 87 17.15 -7.25 22.11
C GLY B 87 17.93 -7.05 20.82
N VAL B 88 19.18 -7.54 20.83
CA VAL B 88 20.09 -7.47 19.69
C VAL B 88 19.48 -8.16 18.48
N ARG B 89 19.53 -7.51 17.32
CA ARG B 89 18.98 -8.10 16.11
C ARG B 89 20.02 -8.89 15.29
N ASN B 90 20.31 -10.11 15.71
CA ASN B 90 21.26 -10.93 14.99
C ASN B 90 20.79 -11.15 13.56
N GLY B 91 21.72 -11.05 12.64
CA GLY B 91 21.43 -11.23 11.22
C GLY B 91 21.30 -9.90 10.51
N THR B 92 21.24 -8.81 11.25
CA THR B 92 21.04 -7.51 10.64
C THR B 92 22.23 -7.00 9.83
N ASP B 93 23.46 -7.23 10.32
CA ASP B 93 24.67 -6.81 9.59
C ASP B 93 24.70 -7.45 8.21
N LYS B 94 24.34 -8.73 8.11
CA LYS B 94 24.28 -9.40 6.82
C LYS B 94 23.32 -8.65 5.91
N ASP B 95 22.19 -8.20 6.46
CA ASP B 95 21.19 -7.46 5.71
C ASP B 95 21.74 -6.15 5.20
N ALA B 96 22.38 -5.39 6.09
CA ALA B 96 22.96 -4.09 5.75
C ALA B 96 24.01 -4.22 4.65
N GLU B 97 24.78 -5.30 4.69
CA GLU B 97 25.82 -5.56 3.70
C GLU B 97 25.18 -5.89 2.36
N ALA B 98 24.30 -6.89 2.37
CA ALA B 98 23.62 -7.32 1.16
C ALA B 98 22.92 -6.15 0.50
N LEU B 99 22.25 -5.33 1.30
CA LEU B 99 21.54 -4.15 0.78
C LEU B 99 22.48 -3.08 0.22
N PHE B 100 23.53 -2.75 0.98
CA PHE B 100 24.50 -1.76 0.55
C PHE B 100 25.07 -2.19 -0.80
N LYS B 101 25.60 -3.40 -0.85
CA LYS B 101 26.17 -3.91 -2.08
C LYS B 101 25.14 -3.81 -3.20
N CYS B 102 23.99 -4.41 -2.93
CA CYS B 102 22.85 -4.44 -3.87
C CYS B 102 22.39 -3.07 -4.40
N PHE B 103 22.29 -2.08 -3.53
CA PHE B 103 21.85 -0.74 -3.94
C PHE B 103 22.95 0.08 -4.62
N ARG B 104 24.21 -0.26 -4.33
CA ARG B 104 25.37 0.39 -4.95
C ARG B 104 25.38 -0.07 -6.42
N SER B 105 25.21 -1.37 -6.62
CA SER B 105 25.16 -1.93 -7.97
C SER B 105 24.08 -1.27 -8.80
N LEU B 106 22.99 -0.86 -8.15
CA LEU B 106 21.89 -0.20 -8.84
C LEU B 106 22.27 1.20 -9.29
N GLY B 107 23.20 1.83 -8.58
CA GLY B 107 23.64 3.16 -8.95
C GLY B 107 23.37 4.21 -7.91
N PHE B 108 23.01 3.79 -6.70
CA PHE B 108 22.72 4.74 -5.64
C PHE B 108 24.01 5.07 -4.87
N ASP B 109 24.05 6.25 -4.25
CA ASP B 109 25.19 6.62 -3.41
C ASP B 109 24.80 6.18 -2.00
N VAL B 110 25.14 4.95 -1.63
CA VAL B 110 24.75 4.46 -0.33
C VAL B 110 25.60 4.82 0.89
N ILE B 111 24.91 5.27 1.93
CA ILE B 111 25.51 5.65 3.21
C ILE B 111 24.87 4.72 4.24
N VAL B 112 25.65 4.12 5.12
CA VAL B 112 25.10 3.20 6.11
C VAL B 112 25.31 3.68 7.55
N TYR B 113 24.20 4.01 8.22
CA TYR B 113 24.29 4.45 9.61
C TYR B 113 24.05 3.23 10.53
N ASN B 114 24.56 3.25 11.75
CA ASN B 114 24.43 2.10 12.63
C ASN B 114 24.07 2.43 14.08
N ASP B 115 23.17 1.63 14.68
CA ASP B 115 22.69 1.83 16.06
C ASP B 115 22.30 3.28 16.34
N CYS B 116 21.41 3.81 15.54
CA CYS B 116 20.99 5.18 15.68
C CYS B 116 20.00 5.44 16.80
N SER B 117 20.14 6.59 17.42
CA SER B 117 19.23 7.02 18.45
C SER B 117 17.99 7.50 17.67
N CYS B 118 16.95 7.91 18.38
CA CYS B 118 15.75 8.41 17.71
C CYS B 118 16.02 9.80 17.16
N ALA B 119 16.81 10.58 17.90
CA ALA B 119 17.16 11.95 17.48
C ALA B 119 18.06 11.90 16.24
N LYS B 120 18.91 10.88 16.17
CA LYS B 120 19.78 10.71 15.03
C LYS B 120 18.97 10.41 13.78
N MET B 121 18.15 9.37 13.82
CA MET B 121 17.33 9.01 12.66
C MET B 121 16.53 10.22 12.12
N GLN B 122 16.04 11.06 13.01
CA GLN B 122 15.28 12.24 12.62
C GLN B 122 16.13 13.31 11.95
N ASP B 123 17.26 13.64 12.58
CA ASP B 123 18.17 14.68 12.08
C ASP B 123 18.79 14.33 10.72
N LEU B 124 19.30 13.11 10.68
CA LEU B 124 19.93 12.53 9.50
C LEU B 124 18.95 12.58 8.33
N LEU B 125 17.68 12.25 8.57
CA LEU B 125 16.68 12.30 7.48
C LEU B 125 16.21 13.71 7.15
N LYS B 126 16.14 14.58 8.16
CA LYS B 126 15.74 15.95 7.95
C LYS B 126 16.78 16.61 7.04
N LYS B 127 18.05 16.34 7.33
CA LYS B 127 19.16 16.88 6.55
C LYS B 127 19.21 16.35 5.11
N ALA B 128 19.03 15.05 4.92
CA ALA B 128 19.02 14.49 3.58
C ALA B 128 17.97 15.17 2.70
N SER B 129 16.86 15.57 3.30
CA SER B 129 15.79 16.24 2.55
C SER B 129 16.12 17.70 2.29
N GLU B 130 17.05 18.25 3.07
CA GLU B 130 17.46 19.64 2.91
C GLU B 130 18.60 19.77 1.91
N GLU B 131 19.08 18.64 1.44
CA GLU B 131 20.13 18.60 0.45
C GLU B 131 19.54 18.91 -0.93
N ASP B 132 20.40 19.00 -1.93
CA ASP B 132 19.98 19.30 -3.30
C ASP B 132 19.93 17.99 -4.09
N HIS B 133 18.73 17.62 -4.51
CA HIS B 133 18.57 16.39 -5.25
C HIS B 133 18.32 16.65 -6.72
N THR B 134 18.40 17.92 -7.11
CA THR B 134 18.17 18.34 -8.48
C THR B 134 18.77 17.44 -9.54
N ASN B 135 19.96 16.94 -9.26
CA ASN B 135 20.72 16.07 -10.18
C ASN B 135 20.46 14.58 -10.01
N ALA B 136 19.53 14.24 -9.12
CA ALA B 136 19.19 12.85 -8.82
C ALA B 136 17.81 12.45 -9.36
N ALA B 137 17.73 11.24 -9.92
CA ALA B 137 16.48 10.73 -10.47
C ALA B 137 15.49 10.29 -9.40
N CYS B 138 15.99 9.98 -8.20
CA CYS B 138 15.12 9.55 -7.12
C CYS B 138 15.84 9.51 -5.77
N PHE B 139 15.20 8.91 -4.78
CA PHE B 139 15.75 8.79 -3.43
C PHE B 139 15.27 7.49 -2.79
N ALA B 140 16.03 6.98 -1.84
CA ALA B 140 15.67 5.75 -1.18
C ALA B 140 16.22 5.72 0.24
N CYS B 141 15.48 5.07 1.13
CA CYS B 141 15.85 4.92 2.55
C CYS B 141 15.43 3.53 2.99
N ILE B 142 16.29 2.86 3.72
CA ILE B 142 15.99 1.53 4.17
C ILE B 142 16.19 1.49 5.67
N LEU B 143 15.11 1.20 6.40
CA LEU B 143 15.13 1.11 7.86
C LEU B 143 15.14 -0.35 8.27
N LEU B 144 16.10 -0.73 9.09
CA LEU B 144 16.24 -2.09 9.60
C LEU B 144 16.22 -1.95 11.12
N SER B 145 15.14 -2.38 11.78
CA SER B 145 15.07 -2.21 13.22
C SER B 145 13.86 -2.93 13.81
N HIS B 146 13.70 -2.77 15.13
CA HIS B 146 12.53 -3.30 15.82
C HIS B 146 11.42 -2.28 15.53
N GLY B 147 10.18 -2.72 15.64
CA GLY B 147 9.08 -1.79 15.40
C GLY B 147 7.77 -2.28 15.97
N GLU B 148 6.76 -1.43 15.87
CA GLU B 148 5.38 -1.70 16.33
C GLU B 148 4.55 -0.88 15.35
N GLU B 149 3.27 -1.17 15.20
CA GLU B 149 2.47 -0.44 14.22
C GLU B 149 2.71 1.06 14.17
N ASN B 150 3.14 1.54 13.00
CA ASN B 150 3.40 2.98 12.76
C ASN B 150 4.63 3.60 13.45
N VAL B 151 5.45 2.77 14.07
CA VAL B 151 6.59 3.26 14.82
C VAL B 151 7.83 2.38 14.53
N ILE B 152 9.04 2.97 14.60
CA ILE B 152 10.31 2.20 14.43
C ILE B 152 11.15 2.55 15.63
N TYR B 153 11.90 1.57 16.10
CA TYR B 153 12.74 1.81 17.23
C TYR B 153 14.09 2.39 16.89
N GLY B 154 14.51 3.35 17.71
CA GLY B 154 15.85 3.88 17.62
C GLY B 154 16.44 3.03 18.74
N LYS B 155 17.72 3.19 19.08
CA LYS B 155 18.23 2.38 20.18
C LYS B 155 17.71 2.98 21.47
N ASP B 156 17.29 4.23 21.32
CA ASP B 156 16.78 5.13 22.34
C ASP B 156 15.31 4.94 22.78
N GLY B 157 14.45 4.54 21.85
CA GLY B 157 13.05 4.42 22.16
C GLY B 157 12.29 4.20 20.88
N VAL B 158 11.28 5.03 20.63
CA VAL B 158 10.42 4.85 19.46
C VAL B 158 10.02 6.17 18.80
N THR B 159 9.80 6.13 17.49
CA THR B 159 9.43 7.31 16.71
C THR B 159 8.52 6.88 15.56
N PRO B 160 7.47 7.68 15.25
CA PRO B 160 6.51 7.41 14.17
C PRO B 160 7.21 7.39 12.83
N ILE B 161 6.94 6.36 12.03
CA ILE B 161 7.53 6.27 10.71
C ILE B 161 7.05 7.46 9.86
N LYS B 162 5.84 7.95 10.14
CA LYS B 162 5.29 9.08 9.40
C LYS B 162 6.12 10.33 9.60
N ASP B 163 6.69 10.49 10.78
CA ASP B 163 7.50 11.65 11.07
C ASP B 163 8.84 11.69 10.33
N LEU B 164 9.35 10.50 10.03
CA LEU B 164 10.62 10.36 9.32
C LEU B 164 10.45 10.64 7.83
N THR B 165 9.39 10.09 7.26
CA THR B 165 9.10 10.24 5.84
C THR B 165 8.48 11.60 5.46
N ALA B 166 7.93 12.30 6.44
CA ALA B 166 7.29 13.58 6.18
C ALA B 166 8.24 14.59 5.57
N HIS B 167 9.50 14.50 6.00
CA HIS B 167 10.58 15.39 5.56
C HIS B 167 10.72 15.48 4.05
N PHE B 168 10.39 14.38 3.37
CA PHE B 168 10.52 14.32 1.93
C PHE B 168 9.25 14.63 1.18
N ARG B 169 8.26 15.18 1.86
CA ARG B 169 7.00 15.55 1.23
C ARG B 169 7.27 16.61 0.18
N GLY B 170 6.53 16.57 -0.92
CA GLY B 170 6.72 17.53 -2.00
C GLY B 170 6.96 18.97 -1.60
N ASP B 171 6.21 19.44 -0.61
CA ASP B 171 6.32 20.82 -0.14
C ASP B 171 7.52 21.06 0.80
N ARG B 172 8.22 20.00 1.13
CA ARG B 172 9.32 20.07 2.05
C ARG B 172 10.68 19.73 1.43
N SER B 173 10.71 18.86 0.43
CA SER B 173 11.94 18.52 -0.26
C SER B 173 11.58 18.80 -1.70
N LYS B 174 11.55 20.07 -2.04
CA LYS B 174 11.17 20.47 -3.39
C LYS B 174 12.06 19.93 -4.50
N THR B 175 13.31 19.60 -4.20
CA THR B 175 14.19 19.07 -5.24
C THR B 175 13.91 17.62 -5.59
N LEU B 176 13.06 16.97 -4.79
CA LEU B 176 12.68 15.59 -5.10
C LEU B 176 11.26 15.58 -5.65
N LEU B 177 10.65 16.75 -5.75
CA LEU B 177 9.31 16.87 -6.27
C LEU B 177 9.20 16.17 -7.63
N GLU B 178 8.15 15.37 -7.78
CA GLU B 178 7.83 14.60 -9.00
C GLU B 178 8.76 13.42 -9.24
N LYS B 179 9.61 13.16 -8.26
CA LYS B 179 10.54 12.04 -8.34
C LYS B 179 10.12 11.05 -7.24
N PRO B 180 10.36 9.76 -7.47
CA PRO B 180 10.00 8.74 -6.47
C PRO B 180 10.88 8.77 -5.22
N LYS B 181 10.25 8.60 -4.06
CA LYS B 181 10.91 8.56 -2.76
C LYS B 181 10.59 7.21 -2.13
N LEU B 182 11.45 6.23 -2.38
CA LEU B 182 11.28 4.87 -1.91
C LEU B 182 11.72 4.71 -0.47
N PHE B 183 11.02 3.87 0.27
CA PHE B 183 11.34 3.58 1.66
C PHE B 183 11.10 2.10 1.82
N PHE B 184 12.11 1.39 2.29
CA PHE B 184 12.01 -0.04 2.50
C PHE B 184 12.16 -0.17 4.00
N ILE B 185 11.20 -0.84 4.63
CA ILE B 185 11.21 -0.99 6.07
C ILE B 185 11.12 -2.43 6.53
N GLN B 186 12.13 -2.82 7.28
CA GLN B 186 12.22 -4.15 7.86
C GLN B 186 12.11 -3.90 9.36
N ALA B 187 10.91 -4.10 9.89
CA ALA B 187 10.59 -3.90 11.31
C ALA B 187 9.25 -4.58 11.59
N CYS B 188 9.04 -4.99 12.84
CA CYS B 188 7.75 -5.59 13.22
C CYS B 188 6.71 -4.47 13.17
N ARG B 189 5.46 -4.83 12.89
CA ARG B 189 4.41 -3.81 12.84
C ARG B 189 3.28 -4.16 13.85
N GLY B 190 3.63 -4.94 14.86
CA GLY B 190 2.68 -5.34 15.87
C GLY B 190 3.09 -6.67 16.41
N THR B 191 2.15 -7.42 16.97
CA THR B 191 2.45 -8.71 17.57
C THR B 191 1.66 -9.92 17.08
N GLU B 192 0.97 -9.79 15.96
CA GLU B 192 0.21 -10.91 15.43
C GLU B 192 1.11 -11.85 14.62
N LEU B 193 0.76 -13.13 14.58
CA LEU B 193 1.51 -14.15 13.85
C LEU B 193 0.61 -14.74 12.77
N ASP B 194 1.14 -14.91 11.58
CA ASP B 194 0.40 -15.47 10.46
C ASP B 194 0.75 -16.95 10.49
N ASP B 195 -0.26 -17.80 10.58
CA ASP B 195 -0.06 -19.25 10.65
C ASP B 195 -0.01 -19.93 9.29
N GLY B 196 -0.52 -19.25 8.27
CA GLY B 196 -0.51 -19.84 6.95
C GLY B 196 -1.66 -20.81 6.79
N ILE B 197 -1.89 -21.24 5.57
CA ILE B 197 -2.96 -22.16 5.27
C ILE B 197 -2.37 -23.10 4.26
N GLN B 198 -2.69 -24.38 4.37
CA GLN B 198 -2.12 -25.36 3.46
C GLN B 198 -2.53 -25.10 2.00
N LYS B 214 -0.81 21.96 -9.76
CA LYS B 214 -0.09 21.58 -8.53
C LYS B 214 0.05 20.07 -8.47
N ILE B 215 0.81 19.60 -7.49
CA ILE B 215 1.03 18.17 -7.29
C ILE B 215 0.77 17.96 -5.80
N PRO B 216 0.19 16.80 -5.44
CA PRO B 216 -0.10 16.50 -4.03
C PRO B 216 1.22 16.38 -3.28
N VAL B 217 1.30 16.97 -2.10
CA VAL B 217 2.51 16.88 -1.30
C VAL B 217 2.80 15.45 -0.81
N GLU B 218 1.85 14.54 -0.98
CA GLU B 218 2.00 13.14 -0.55
C GLU B 218 2.25 12.22 -1.73
N ALA B 219 2.19 12.78 -2.92
CA ALA B 219 2.42 12.02 -4.13
C ALA B 219 3.87 11.55 -4.29
N ASP B 220 4.05 10.48 -5.07
CA ASP B 220 5.35 9.90 -5.38
C ASP B 220 6.16 9.13 -4.35
N PHE B 221 5.52 8.73 -3.26
CA PHE B 221 6.17 7.92 -2.23
C PHE B 221 5.83 6.46 -2.51
N LEU B 222 6.59 5.56 -1.87
CA LEU B 222 6.36 4.14 -1.97
C LEU B 222 7.02 3.53 -0.75
N PHE B 223 6.25 2.78 0.04
CA PHE B 223 6.77 2.13 1.21
C PHE B 223 6.62 0.67 0.96
N ALA B 224 7.70 -0.06 1.19
CA ALA B 224 7.70 -1.48 1.00
C ALA B 224 8.05 -2.02 2.38
N TYR B 225 7.02 -2.37 3.15
CA TYR B 225 7.21 -2.91 4.48
C TYR B 225 7.42 -4.41 4.34
N SER B 226 8.13 -5.00 5.29
CA SER B 226 8.38 -6.43 5.25
C SER B 226 7.15 -7.26 5.62
N THR B 227 6.21 -6.64 6.31
CA THR B 227 5.03 -7.35 6.76
C THR B 227 3.81 -6.42 6.76
N VAL B 228 2.63 -7.02 6.86
CA VAL B 228 1.37 -6.28 6.89
C VAL B 228 1.20 -5.69 8.28
N PRO B 229 0.42 -4.61 8.41
CA PRO B 229 0.16 -3.93 9.70
C PRO B 229 -0.37 -4.88 10.77
N GLY B 230 0.07 -4.68 12.01
CA GLY B 230 -0.37 -5.54 13.10
C GLY B 230 0.46 -6.80 13.31
N TYR B 231 1.19 -7.24 12.29
CA TYR B 231 1.99 -8.46 12.40
C TYR B 231 3.49 -8.31 12.75
N TYR B 232 4.10 -9.42 13.16
CA TYR B 232 5.53 -9.48 13.44
C TYR B 232 6.22 -9.58 12.08
N SER B 233 7.55 -9.43 12.08
CA SER B 233 8.33 -9.56 10.86
C SER B 233 9.40 -10.53 11.30
N TRP B 234 9.69 -11.50 10.45
CA TRP B 234 10.66 -12.52 10.77
C TRP B 234 12.10 -12.28 10.32
N ARG B 235 13.02 -12.85 11.08
CA ARG B 235 14.43 -12.71 10.84
C ARG B 235 15.26 -13.91 11.26
N SER B 236 16.03 -14.43 10.32
CA SER B 236 16.92 -15.55 10.54
C SER B 236 18.26 -14.94 10.96
N PRO B 237 18.72 -15.23 12.19
CA PRO B 237 20.00 -14.69 12.70
C PRO B 237 21.24 -15.03 11.84
N GLY B 238 21.17 -16.13 11.11
CA GLY B 238 22.29 -16.54 10.29
C GLY B 238 22.21 -16.19 8.82
N ARG B 239 21.04 -15.83 8.32
CA ARG B 239 20.91 -15.49 6.92
C ARG B 239 20.39 -14.08 6.71
N GLY B 240 19.76 -13.54 7.74
CA GLY B 240 19.19 -12.20 7.67
C GLY B 240 17.67 -12.24 7.61
N SER B 241 17.05 -11.06 7.61
CA SER B 241 15.61 -10.99 7.55
C SER B 241 15.11 -11.61 6.24
N TRP B 242 13.87 -12.10 6.25
CA TRP B 242 13.31 -12.71 5.08
C TRP B 242 13.11 -11.68 3.98
N PHE B 243 12.52 -10.55 4.34
CA PHE B 243 12.26 -9.48 3.37
C PHE B 243 13.55 -9.08 2.65
N VAL B 244 14.61 -8.84 3.43
CA VAL B 244 15.89 -8.45 2.87
C VAL B 244 16.49 -9.56 2.03
N GLN B 245 16.49 -10.79 2.54
CA GLN B 245 17.01 -11.91 1.77
C GLN B 245 16.34 -11.93 0.40
N ALA B 246 15.01 -11.93 0.37
CA ALA B 246 14.27 -11.97 -0.88
C ALA B 246 14.42 -10.73 -1.75
N LEU B 247 14.36 -9.56 -1.13
CA LEU B 247 14.49 -8.30 -1.87
C LEU B 247 15.81 -8.26 -2.64
N CYS B 248 16.93 -8.41 -1.94
CA CYS B 248 18.23 -8.40 -2.57
C CYS B 248 18.31 -9.44 -3.67
N SER B 249 17.87 -10.66 -3.38
CA SER B 249 17.87 -11.75 -4.35
C SER B 249 17.17 -11.36 -5.68
N ILE B 250 15.96 -10.81 -5.59
CA ILE B 250 15.24 -10.41 -6.79
C ILE B 250 15.96 -9.24 -7.46
N LEU B 251 16.35 -8.23 -6.68
CA LEU B 251 17.06 -7.08 -7.23
C LEU B 251 18.34 -7.53 -7.95
N GLU B 252 19.04 -8.51 -7.39
CA GLU B 252 20.26 -9.04 -7.97
C GLU B 252 19.99 -9.56 -9.38
N GLU B 253 18.88 -10.27 -9.52
CA GLU B 253 18.53 -10.86 -10.79
C GLU B 253 17.71 -9.98 -11.70
N HIS B 254 16.96 -9.03 -11.15
CA HIS B 254 16.08 -8.18 -11.97
C HIS B 254 15.99 -6.72 -11.64
N GLY B 255 16.93 -6.22 -10.84
CA GLY B 255 16.91 -4.82 -10.45
C GLY B 255 16.98 -3.82 -11.58
N LYS B 256 17.51 -4.24 -12.71
CA LYS B 256 17.63 -3.35 -13.85
C LYS B 256 16.73 -3.67 -15.04
N ASP B 257 15.95 -4.75 -14.93
CA ASP B 257 15.06 -5.12 -16.03
C ASP B 257 13.58 -5.21 -15.70
N LEU B 258 13.21 -5.01 -14.45
CA LEU B 258 11.79 -5.06 -14.06
C LEU B 258 11.34 -3.73 -13.44
N GLU B 259 10.05 -3.40 -13.61
CA GLU B 259 9.50 -2.17 -13.04
C GLU B 259 9.40 -2.47 -11.53
N ILE B 260 9.51 -1.44 -10.71
CA ILE B 260 9.50 -1.61 -9.24
C ILE B 260 8.37 -2.50 -8.65
N MET B 261 7.14 -2.34 -9.14
CA MET B 261 6.02 -3.15 -8.67
C MET B 261 6.26 -4.63 -8.98
N GLN B 262 6.81 -4.94 -10.16
CA GLN B 262 7.08 -6.33 -10.53
C GLN B 262 8.14 -6.93 -9.63
N ILE B 263 9.10 -6.11 -9.22
CA ILE B 263 10.15 -6.59 -8.34
C ILE B 263 9.51 -6.91 -7.00
N LEU B 264 8.80 -5.93 -6.45
CA LEU B 264 8.15 -6.09 -5.15
C LEU B 264 7.07 -7.21 -5.10
N THR B 265 6.36 -7.42 -6.20
CA THR B 265 5.38 -8.46 -6.22
C THR B 265 6.14 -9.78 -6.14
N ARG B 266 7.25 -9.88 -6.87
CA ARG B 266 8.08 -11.09 -6.86
C ARG B 266 8.68 -11.31 -5.48
N VAL B 267 8.96 -10.23 -4.77
CA VAL B 267 9.48 -10.31 -3.42
C VAL B 267 8.35 -10.82 -2.51
N ASN B 268 7.12 -10.34 -2.74
CA ASN B 268 5.94 -10.77 -1.97
C ASN B 268 5.78 -12.28 -2.10
N ASP B 269 5.84 -12.76 -3.33
CA ASP B 269 5.70 -14.18 -3.63
C ASP B 269 6.83 -15.04 -3.07
N ARG B 270 8.01 -14.45 -2.91
CA ARG B 270 9.16 -15.18 -2.40
C ARG B 270 9.09 -15.37 -0.89
N VAL B 271 8.83 -14.28 -0.19
CA VAL B 271 8.73 -14.30 1.26
C VAL B 271 7.59 -15.22 1.64
N ALA B 272 6.46 -15.06 0.97
CA ALA B 272 5.28 -15.87 1.24
C ALA B 272 5.49 -17.35 0.97
N ARG B 273 5.97 -17.67 -0.21
CA ARG B 273 6.17 -19.05 -0.62
C ARG B 273 7.43 -19.74 -0.19
N HIS B 274 8.42 -19.01 0.34
CA HIS B 274 9.66 -19.71 0.66
C HIS B 274 10.17 -19.70 2.07
N PHE B 275 9.45 -19.04 2.97
CA PHE B 275 9.89 -18.99 4.35
C PHE B 275 8.78 -19.48 5.28
N GLU B 276 9.18 -20.02 6.43
CA GLU B 276 8.29 -20.53 7.46
C GLU B 276 9.15 -20.70 8.69
N SER B 277 8.89 -19.91 9.72
CA SER B 277 9.67 -19.95 10.95
C SER B 277 9.89 -21.31 11.61
N GLN B 278 11.06 -21.46 12.20
CA GLN B 278 11.43 -22.65 12.94
C GLN B 278 11.67 -22.06 14.30
N SER B 279 11.08 -22.64 15.33
CA SER B 279 11.25 -22.14 16.68
C SER B 279 10.90 -23.20 17.68
N ASP B 280 11.57 -23.14 18.82
CA ASP B 280 11.32 -24.08 19.88
C ASP B 280 9.96 -23.80 20.48
N ASP B 281 9.69 -22.52 20.73
CA ASP B 281 8.40 -22.13 21.28
C ASP B 281 7.38 -22.43 20.19
N PRO B 282 6.51 -23.42 20.43
CA PRO B 282 5.49 -23.80 19.44
C PRO B 282 4.58 -22.63 19.05
N HIS B 283 4.48 -21.66 19.94
CA HIS B 283 3.66 -20.48 19.67
C HIS B 283 4.25 -19.68 18.50
N PHE B 284 5.55 -19.80 18.30
CA PHE B 284 6.21 -19.08 17.23
C PHE B 284 6.77 -20.01 16.17
N HIS B 285 6.39 -21.28 16.21
CA HIS B 285 6.90 -22.24 15.25
C HIS B 285 6.00 -22.39 14.02
N GLU B 286 6.61 -22.54 12.84
CA GLU B 286 5.91 -22.72 11.57
C GLU B 286 5.08 -21.56 11.03
N LYS B 287 5.36 -20.35 11.50
CA LYS B 287 4.61 -19.17 11.04
C LYS B 287 5.03 -18.71 9.65
N LYS B 288 4.17 -17.88 9.07
CA LYS B 288 4.38 -17.35 7.72
C LYS B 288 4.40 -15.82 7.67
N GLN B 289 4.76 -15.27 6.52
CA GLN B 289 4.85 -13.81 6.37
C GLN B 289 4.50 -13.33 4.97
N ILE B 290 3.94 -12.13 4.88
CA ILE B 290 3.60 -11.55 3.59
C ILE B 290 3.91 -10.07 3.71
N PRO B 291 4.72 -9.53 2.78
CA PRO B 291 5.11 -8.12 2.74
C PRO B 291 3.93 -7.25 2.33
N CYS B 292 4.08 -5.94 2.49
CA CYS B 292 3.02 -5.01 2.19
C CYS B 292 3.58 -3.80 1.46
N VAL B 293 3.20 -3.61 0.21
CA VAL B 293 3.67 -2.48 -0.59
C VAL B 293 2.62 -1.38 -0.66
N VAL B 294 2.99 -0.15 -0.31
CA VAL B 294 2.06 0.97 -0.39
C VAL B 294 2.57 1.94 -1.43
N SER B 295 1.86 2.10 -2.54
CA SER B 295 2.32 3.00 -3.59
C SER B 295 1.53 4.27 -3.84
N MET B 296 2.26 5.38 -3.84
CA MET B 296 1.71 6.69 -4.14
C MET B 296 2.38 7.16 -5.44
N LEU B 297 3.04 6.23 -6.13
CA LEU B 297 3.73 6.56 -7.37
C LEU B 297 2.78 6.87 -8.51
N THR B 298 3.15 7.86 -9.32
CA THR B 298 2.36 8.31 -10.45
C THR B 298 2.88 7.83 -11.80
N LYS B 299 4.04 7.17 -11.81
CA LYS B 299 4.62 6.65 -13.07
C LYS B 299 5.30 5.33 -12.72
N GLU B 300 5.67 4.58 -13.73
CA GLU B 300 6.40 3.33 -13.53
C GLU B 300 7.87 3.71 -13.25
N LEU B 301 8.52 2.98 -12.37
CA LEU B 301 9.90 3.25 -12.05
C LEU B 301 10.75 2.10 -12.51
N TYR B 302 11.76 2.43 -13.31
CA TYR B 302 12.70 1.47 -13.85
C TYR B 302 14.03 2.06 -13.42
N PHE B 303 14.93 1.23 -12.89
CA PHE B 303 16.22 1.72 -12.44
C PHE B 303 17.24 1.86 -13.57
N SER B 304 16.86 1.34 -14.73
CA SER B 304 17.67 1.39 -15.94
C SER B 304 17.30 2.58 -16.83
C ACE C 1 -18.24 21.60 -5.05
O ACE C 1 -18.71 22.74 -5.11
CH3 ACE C 1 -19.09 20.36 -4.97
N ASP C 2 -16.95 21.34 -5.07
CA ASP C 2 -16.50 20.06 -4.58
C ASP C 2 -16.89 19.77 -3.14
N GLU C 3 -17.18 18.50 -2.93
CA GLU C 3 -17.57 18.01 -1.62
C GLU C 3 -16.45 17.02 -1.15
N VAL C 4 -16.17 16.85 0.13
CA VAL C 4 -15.30 15.73 0.54
C VAL C 4 -16.06 14.48 1.20
C ASJ C 5 -15.68 11.80 3.19
N ASJ C 5 -15.49 13.27 1.25
O ASJ C 5 -16.07 10.59 3.83
CA ASJ C 5 -16.14 12.04 1.78
CB ASJ C 5 -15.92 10.75 0.96
CG ASJ C 5 -16.84 10.80 -0.24
OD1 ASJ C 5 -16.58 10.10 -1.23
OD2 ASJ C 5 -17.85 11.55 -0.19
C ACE D 1 15.68 -19.02 15.10
O ACE D 1 15.97 -20.16 15.49
CH3 ACE D 1 16.51 -17.87 15.60
N ASP D 2 14.65 -18.80 14.26
CA ASP D 2 14.16 -17.58 13.66
C ASP D 2 13.79 -16.60 14.68
N GLU D 3 13.59 -15.35 14.32
CA GLU D 3 13.44 -14.37 15.38
C GLU D 3 12.52 -13.37 14.85
N VAL D 4 11.91 -12.53 15.70
CA VAL D 4 11.02 -11.53 15.14
C VAL D 4 11.42 -10.11 15.48
C ASJ D 5 10.28 -7.12 15.40
N ASJ D 5 11.12 -9.25 14.52
O ASJ D 5 10.52 -5.74 15.68
CA ASJ D 5 11.43 -7.86 14.70
CB ASJ D 5 11.84 -7.22 13.36
CG ASJ D 5 13.32 -7.48 13.15
OD1 ASJ D 5 13.75 -7.57 11.98
OD2 ASJ D 5 14.05 -7.60 14.16
S SO4 E . -26.04 11.09 -8.18
O1 SO4 E . -24.97 10.67 -9.12
O2 SO4 E . -27.32 10.98 -8.87
O3 SO4 E . -25.87 12.48 -7.74
O4 SO4 E . -25.96 10.19 -7.01
S SO4 F . 24.95 -10.14 12.18
O1 SO4 F . 24.87 -10.63 10.79
O2 SO4 F . 26.33 -9.75 12.53
O3 SO4 F . 24.52 -11.18 13.13
O4 SO4 F . 24.09 -8.94 12.26
#